data_2GQ8
#
_entry.id   2GQ8
#
_cell.length_a   48.558
_cell.length_b   83.675
_cell.length_c   87.485
_cell.angle_alpha   90.00
_cell.angle_beta   90.00
_cell.angle_gamma   90.00
#
_symmetry.space_group_name_H-M   'P 21 21 21'
#
loop_
_entity.id
_entity.type
_entity.pdbx_description
1 polymer 'oxidoreductase, FMN-binding'
2 non-polymer 'octyl beta-D-glucopyranoside'
3 non-polymer 'SULFATE ION'
4 non-polymer P-HYDROXYACETOPHENONE
5 non-polymer 'FLAVIN MONONUCLEOTIDE'
6 non-polymer 2-AMINO-2-HYDROXYMETHYL-PROPANE-1,3-DIOL
7 water water
#
_entity_poly.entity_id   1
_entity_poly.type   'polypeptide(L)'
_entity_poly.pdbx_seq_one_letter_code
;MTQSLFQPITLGALTLKNRIVMPPMTRSRASQPGDVANHMMAIYYAQRASAGLIVSEGTQISPTAKGYAWTPGIYTPEQI
AGWRIVTEAVHAKGCAIFAQLWHVGRVTHPDNIDGQQPISSSTLKAENVKVFVDNGSDEPGFVDVAVPRAMTKADIAQVI
ADYRQAALNAMEAGFDGIELHAANGYLINQFIDSEANNRSDEYGGSLENRLRFLDEVVAALVDAIGAERVGVRLAPLTTL
NGTVDADPILTYTAAAALLNKHRIVYLHIAEVDWDDAPDTPVSFKRALREAYQGVLIYAGRYNAEKAEQAINDGLADMIG
FGRPFIANPDLPERLRHGYPLAEHVPATLFGGGEKGLTDYPTYQA
;
_entity_poly.pdbx_strand_id   A
#
# COMPACT_ATOMS: atom_id res chain seq x y z
N MET A 1 1.50 13.08 24.18
CA MET A 1 2.85 12.63 24.58
C MET A 1 3.08 11.17 24.15
N THR A 2 2.16 10.66 23.33
CA THR A 2 2.22 9.30 22.77
C THR A 2 1.75 8.15 23.64
N GLN A 3 1.04 8.41 24.72
CA GLN A 3 0.58 7.32 25.57
C GLN A 3 -0.33 6.34 24.82
N SER A 4 -1.30 6.87 24.09
CA SER A 4 -2.21 5.99 23.34
C SER A 4 -1.48 5.32 22.20
N LEU A 5 -0.52 6.02 21.60
CA LEU A 5 0.23 5.45 20.50
C LEU A 5 0.97 4.17 20.94
N PHE A 6 1.30 4.09 22.22
CA PHE A 6 2.01 2.93 22.72
C PHE A 6 1.16 1.93 23.47
N GLN A 7 -0.14 1.96 23.16
CA GLN A 7 -1.09 1.00 23.71
C GLN A 7 -1.18 -0.09 22.64
N PRO A 8 -1.33 -1.36 23.05
CA PRO A 8 -1.44 -2.45 22.07
C PRO A 8 -2.81 -2.40 21.41
N ILE A 9 -3.02 -3.24 20.40
CA ILE A 9 -4.30 -3.27 19.71
C ILE A 9 -4.49 -4.61 19.06
N THR A 10 -5.73 -5.08 19.03
CA THR A 10 -6.05 -6.35 18.41
C THR A 10 -6.34 -6.12 16.92
N LEU A 11 -5.77 -6.97 16.09
CA LEU A 11 -6.02 -6.89 14.66
C LEU A 11 -6.42 -8.29 14.25
N GLY A 12 -7.71 -8.55 14.26
CA GLY A 12 -8.18 -9.88 13.90
C GLY A 12 -7.77 -10.88 14.96
N ALA A 13 -7.01 -11.90 14.56
CA ALA A 13 -6.56 -12.92 15.50
C ALA A 13 -5.20 -12.56 16.09
N LEU A 14 -4.68 -11.41 15.70
CA LEU A 14 -3.38 -10.96 16.16
C LEU A 14 -3.47 -9.87 17.21
N THR A 15 -2.45 -9.77 18.05
CA THR A 15 -2.38 -8.70 19.03
C THR A 15 -1.11 -7.96 18.64
N LEU A 16 -1.23 -6.66 18.43
CA LEU A 16 -0.08 -5.85 18.03
C LEU A 16 0.49 -5.11 19.23
N LYS A 17 1.81 -4.90 19.21
CA LYS A 17 2.53 -4.26 20.31
C LYS A 17 2.20 -2.80 20.56
N ASN A 18 1.89 -2.05 19.50
CA ASN A 18 1.56 -0.65 19.64
C ASN A 18 0.72 -0.23 18.45
N ARG A 19 0.40 1.06 18.37
CA ARG A 19 -0.45 1.59 17.30
C ARG A 19 0.32 2.18 16.12
N ILE A 20 1.61 1.89 16.05
CA ILE A 20 2.46 2.42 14.98
C ILE A 20 2.57 1.47 13.81
N VAL A 21 2.35 2.00 12.61
CA VAL A 21 2.41 1.19 11.41
C VAL A 21 3.55 1.64 10.51
N MET A 22 4.27 0.69 9.93
CA MET A 22 5.28 1.03 8.95
C MET A 22 4.44 0.83 7.67
N PRO A 23 4.06 1.94 7.01
CA PRO A 23 3.23 1.86 5.79
C PRO A 23 4.02 1.28 4.63
N PRO A 24 3.32 0.79 3.60
CA PRO A 24 3.94 0.21 2.42
C PRO A 24 4.85 1.22 1.72
N MET A 25 6.10 0.84 1.46
CA MET A 25 7.02 1.73 0.79
C MET A 25 7.93 1.03 -0.20
N THR A 26 7.65 1.25 -1.48
CA THR A 26 8.44 0.69 -2.56
C THR A 26 9.89 1.15 -2.43
N ARG A 27 10.83 0.20 -2.45
CA ARG A 27 12.25 0.54 -2.36
C ARG A 27 13.00 0.01 -3.58
N SER A 28 12.28 -0.74 -4.42
CA SER A 28 12.86 -1.28 -5.64
C SER A 28 14.24 -1.91 -5.45
N ARG A 29 14.30 -2.86 -4.53
CA ARG A 29 15.53 -3.58 -4.22
C ARG A 29 15.44 -5.07 -4.56
N ALA A 30 14.38 -5.47 -5.27
CA ALA A 30 14.21 -6.89 -5.58
C ALA A 30 15.31 -7.45 -6.47
N SER A 31 15.70 -8.69 -6.19
CA SER A 31 16.75 -9.35 -6.94
C SER A 31 16.38 -9.61 -8.37
N GLN A 32 17.37 -9.47 -9.25
CA GLN A 32 17.18 -9.68 -10.68
C GLN A 32 18.06 -10.85 -11.13
N PRO A 33 17.55 -11.68 -12.06
CA PRO A 33 16.23 -11.50 -12.65
C PRO A 33 15.18 -12.17 -11.77
N GLY A 34 13.92 -11.89 -12.04
CA GLY A 34 12.88 -12.53 -11.28
C GLY A 34 12.11 -11.66 -10.30
N ASP A 35 12.61 -10.45 -10.02
CA ASP A 35 11.95 -9.54 -9.07
C ASP A 35 11.65 -10.28 -7.78
N VAL A 36 12.69 -10.84 -7.17
CA VAL A 36 12.55 -11.63 -5.95
C VAL A 36 12.96 -10.92 -4.66
N ALA A 37 12.08 -10.97 -3.65
CA ALA A 37 12.38 -10.39 -2.35
C ALA A 37 13.66 -11.10 -1.89
N ASN A 38 14.49 -10.40 -1.12
CA ASN A 38 15.78 -10.97 -0.75
C ASN A 38 16.30 -10.67 0.64
N HIS A 39 17.55 -11.07 0.87
CA HIS A 39 18.20 -10.91 2.16
C HIS A 39 18.19 -9.49 2.68
N MET A 40 18.63 -8.54 1.84
CA MET A 40 18.68 -7.17 2.34
C MET A 40 17.30 -6.64 2.71
N MET A 41 16.28 -7.05 1.97
CA MET A 41 14.93 -6.61 2.28
C MET A 41 14.50 -7.22 3.62
N ALA A 42 14.88 -8.48 3.86
CA ALA A 42 14.52 -9.14 5.11
C ALA A 42 15.18 -8.40 6.28
N ILE A 43 16.43 -7.99 6.11
CA ILE A 43 17.12 -7.26 7.16
C ILE A 43 16.43 -5.91 7.37
N TYR A 44 16.13 -5.24 6.27
CA TYR A 44 15.46 -3.96 6.27
C TYR A 44 14.16 -3.98 7.09
N TYR A 45 13.29 -4.95 6.82
CA TYR A 45 12.03 -5.05 7.55
C TYR A 45 12.23 -5.48 8.99
N ALA A 46 13.12 -6.44 9.21
CA ALA A 46 13.38 -6.92 10.56
C ALA A 46 13.93 -5.79 11.46
N GLN A 47 14.69 -4.87 10.86
CA GLN A 47 15.23 -3.74 11.60
C GLN A 47 14.13 -2.82 12.11
N ARG A 48 12.98 -2.91 11.45
CA ARG A 48 11.85 -2.03 11.76
C ARG A 48 10.69 -2.75 12.42
N ALA A 49 10.97 -3.94 12.93
CA ALA A 49 9.97 -4.78 13.56
C ALA A 49 9.43 -4.31 14.90
N SER A 50 9.89 -3.15 15.38
CA SER A 50 9.35 -2.64 16.64
C SER A 50 8.03 -1.93 16.34
N ALA A 51 7.68 -1.87 15.06
CA ALA A 51 6.41 -1.30 14.62
C ALA A 51 5.33 -2.27 15.10
N GLY A 52 4.11 -1.78 15.26
CA GLY A 52 3.01 -2.66 15.68
C GLY A 52 2.62 -3.52 14.49
N LEU A 53 2.68 -2.93 13.30
CA LEU A 53 2.33 -3.61 12.07
C LEU A 53 3.20 -3.10 10.94
N ILE A 54 3.73 -4.01 10.14
CA ILE A 54 4.50 -3.62 8.97
C ILE A 54 3.66 -4.01 7.76
N VAL A 55 3.51 -3.08 6.82
CA VAL A 55 2.80 -3.41 5.59
C VAL A 55 3.94 -3.38 4.56
N SER A 56 4.07 -4.45 3.80
CA SER A 56 5.16 -4.51 2.82
C SER A 56 4.96 -3.51 1.71
N GLU A 57 6.06 -3.21 1.03
CA GLU A 57 6.02 -2.35 -0.15
C GLU A 57 5.09 -3.06 -1.13
N GLY A 58 4.53 -2.31 -2.06
CA GLY A 58 3.65 -2.93 -3.04
C GLY A 58 4.35 -4.10 -3.72
N THR A 59 3.65 -5.21 -3.86
CA THR A 59 4.24 -6.35 -4.54
C THR A 59 3.25 -6.76 -5.65
N GLN A 60 3.72 -6.71 -6.89
CA GLN A 60 2.85 -7.01 -8.03
C GLN A 60 2.30 -8.42 -8.08
N ILE A 61 1.03 -8.50 -8.44
CA ILE A 61 0.33 -9.77 -8.49
C ILE A 61 0.51 -10.54 -9.78
N SER A 62 1.16 -9.92 -10.76
CA SER A 62 1.40 -10.54 -12.06
C SER A 62 2.42 -9.72 -12.84
N PRO A 63 2.90 -10.27 -13.96
CA PRO A 63 3.88 -9.54 -14.77
C PRO A 63 3.38 -8.18 -15.26
N THR A 64 2.10 -8.08 -15.58
CA THR A 64 1.54 -6.82 -16.08
C THR A 64 0.96 -5.90 -15.01
N ALA A 65 1.16 -6.26 -13.74
CA ALA A 65 0.67 -5.45 -12.62
C ALA A 65 1.76 -4.53 -12.09
N LYS A 66 2.97 -4.69 -12.62
CA LYS A 66 4.14 -3.92 -12.21
C LYS A 66 4.24 -2.55 -12.87
N GLY A 67 4.64 -1.55 -12.08
CA GLY A 67 4.76 -0.21 -12.61
C GLY A 67 6.14 0.43 -12.51
N TYR A 68 7.00 -0.10 -11.65
CA TYR A 68 8.33 0.44 -11.44
C TYR A 68 9.38 -0.65 -11.47
N ALA A 69 10.59 -0.27 -11.89
CA ALA A 69 11.67 -1.23 -11.98
C ALA A 69 12.06 -1.83 -10.62
N TRP A 70 12.41 -3.11 -10.66
CA TRP A 70 12.89 -3.83 -9.49
C TRP A 70 11.98 -3.99 -8.27
N THR A 71 10.67 -3.89 -8.45
CA THR A 71 9.77 -4.10 -7.32
C THR A 71 9.56 -5.61 -7.22
N PRO A 72 9.43 -6.13 -6.00
CA PRO A 72 9.21 -7.57 -5.77
C PRO A 72 7.83 -8.07 -6.16
N GLY A 73 7.79 -9.22 -6.82
CA GLY A 73 6.52 -9.80 -7.20
C GLY A 73 6.07 -10.82 -6.17
N ILE A 74 4.84 -11.31 -6.32
CA ILE A 74 4.34 -12.30 -5.39
C ILE A 74 3.53 -13.36 -6.15
N TYR A 75 3.97 -13.67 -7.36
CA TYR A 75 3.27 -14.65 -8.19
C TYR A 75 4.06 -15.90 -8.59
N THR A 76 5.39 -15.88 -8.46
CA THR A 76 6.19 -17.06 -8.80
C THR A 76 6.64 -17.78 -7.53
N PRO A 77 7.00 -19.08 -7.64
CA PRO A 77 7.44 -19.83 -6.47
C PRO A 77 8.65 -19.19 -5.79
N GLU A 78 9.61 -18.71 -6.58
CA GLU A 78 10.79 -18.10 -5.99
C GLU A 78 10.43 -16.80 -5.30
N GLN A 79 9.47 -16.07 -5.85
CA GLN A 79 9.07 -14.79 -5.24
C GLN A 79 8.43 -15.05 -3.88
N ILE A 80 7.63 -16.10 -3.79
CA ILE A 80 6.99 -16.47 -2.54
C ILE A 80 8.06 -16.85 -1.53
N ALA A 81 9.06 -17.60 -1.99
CA ALA A 81 10.16 -18.04 -1.13
C ALA A 81 10.98 -16.85 -0.64
N GLY A 82 11.17 -15.88 -1.53
CA GLY A 82 11.92 -14.68 -1.14
C GLY A 82 11.18 -13.96 -0.04
N TRP A 83 9.88 -13.79 -0.22
CA TRP A 83 9.08 -13.13 0.80
C TRP A 83 9.11 -13.93 2.10
N ARG A 84 9.24 -15.26 2.00
CA ARG A 84 9.29 -16.08 3.20
C ARG A 84 10.52 -15.74 4.04
N ILE A 85 11.62 -15.40 3.38
CA ILE A 85 12.82 -15.03 4.13
C ILE A 85 12.48 -13.77 4.93
N VAL A 86 11.76 -12.85 4.29
CA VAL A 86 11.37 -11.61 4.93
C VAL A 86 10.42 -11.86 6.11
N THR A 87 9.35 -12.62 5.89
CA THR A 87 8.42 -12.84 6.99
C THR A 87 9.04 -13.62 8.14
N GLU A 88 9.94 -14.55 7.83
CA GLU A 88 10.59 -15.30 8.90
C GLU A 88 11.45 -14.34 9.74
N ALA A 89 12.15 -13.43 9.07
CA ALA A 89 13.00 -12.47 9.77
C ALA A 89 12.15 -11.55 10.64
N VAL A 90 11.05 -11.05 10.09
CA VAL A 90 10.18 -10.15 10.84
C VAL A 90 9.51 -10.85 12.03
N HIS A 91 9.01 -12.06 11.80
CA HIS A 91 8.37 -12.79 12.87
C HIS A 91 9.35 -13.17 13.98
N ALA A 92 10.62 -13.36 13.62
CA ALA A 92 11.62 -13.70 14.62
C ALA A 92 11.79 -12.52 15.58
N LYS A 93 11.49 -11.32 15.08
CA LYS A 93 11.60 -10.11 15.88
C LYS A 93 10.31 -9.77 16.61
N GLY A 94 9.25 -10.51 16.30
CA GLY A 94 7.98 -10.28 16.96
C GLY A 94 7.25 -9.09 16.38
N CYS A 95 6.64 -9.29 15.22
CA CYS A 95 5.90 -8.23 14.57
C CYS A 95 4.99 -8.88 13.53
N ALA A 96 3.86 -8.24 13.25
CA ALA A 96 2.94 -8.74 12.25
C ALA A 96 3.28 -8.05 10.95
N ILE A 97 3.15 -8.77 9.83
CA ILE A 97 3.44 -8.17 8.53
C ILE A 97 2.41 -8.57 7.48
N PHE A 98 1.88 -7.58 6.77
CA PHE A 98 0.89 -7.80 5.72
C PHE A 98 1.53 -7.50 4.38
N ALA A 99 1.17 -8.25 3.35
CA ALA A 99 1.71 -8.01 2.01
C ALA A 99 0.78 -7.08 1.25
N GLN A 100 1.30 -6.00 0.67
CA GLN A 100 0.42 -5.11 -0.09
C GLN A 100 0.33 -5.60 -1.52
N LEU A 101 -0.81 -6.19 -1.86
CA LEU A 101 -1.04 -6.72 -3.21
C LEU A 101 -1.26 -5.56 -4.16
N TRP A 102 -0.42 -5.52 -5.19
CA TRP A 102 -0.41 -4.40 -6.12
C TRP A 102 -0.68 -4.64 -7.59
N HIS A 103 -1.50 -3.76 -8.17
CA HIS A 103 -1.69 -3.77 -9.61
C HIS A 103 -1.73 -2.28 -9.92
N VAL A 104 -0.77 -1.80 -10.70
CA VAL A 104 -0.66 -0.38 -11.01
C VAL A 104 -1.58 0.11 -12.11
N GLY A 105 -2.19 -0.81 -12.86
CA GLY A 105 -3.06 -0.38 -13.93
C GLY A 105 -2.29 0.45 -14.95
N ARG A 106 -2.81 1.65 -15.25
CA ARG A 106 -2.19 2.52 -16.24
C ARG A 106 -0.91 3.23 -15.81
N VAL A 107 -0.57 3.14 -14.52
CA VAL A 107 0.64 3.80 -14.06
C VAL A 107 1.86 2.90 -14.22
N THR A 108 2.31 2.79 -15.46
CA THR A 108 3.47 1.96 -15.78
C THR A 108 3.93 2.29 -17.20
N HIS A 109 4.96 1.59 -17.64
CA HIS A 109 5.54 1.77 -18.96
C HIS A 109 5.71 0.37 -19.54
N PRO A 110 5.57 0.23 -20.86
CA PRO A 110 5.73 -1.11 -21.46
C PRO A 110 7.02 -1.82 -21.03
N ASP A 111 8.09 -1.06 -20.80
CA ASP A 111 9.36 -1.66 -20.39
C ASP A 111 9.25 -2.42 -19.07
N ASN A 112 8.27 -2.09 -18.25
CA ASN A 112 8.11 -2.77 -16.97
C ASN A 112 7.13 -3.95 -17.00
N ILE A 113 6.40 -4.09 -18.09
CA ILE A 113 5.45 -5.18 -18.20
C ILE A 113 5.62 -6.00 -19.47
N ASP A 114 6.86 -6.39 -19.74
CA ASP A 114 7.20 -7.22 -20.90
C ASP A 114 6.72 -6.64 -22.23
N GLY A 115 6.86 -5.33 -22.39
CA GLY A 115 6.46 -4.69 -23.63
C GLY A 115 4.97 -4.55 -23.87
N GLN A 116 4.16 -5.03 -22.94
CA GLN A 116 2.70 -4.96 -23.09
C GLN A 116 2.17 -3.56 -22.85
N GLN A 117 0.96 -3.29 -23.36
CA GLN A 117 0.32 -2.00 -23.15
C GLN A 117 -0.37 -2.09 -21.79
N PRO A 118 -0.32 -1.01 -21.00
CA PRO A 118 -0.95 -1.00 -19.68
C PRO A 118 -2.47 -1.16 -19.79
N ILE A 119 -3.09 -1.64 -18.72
CA ILE A 119 -4.56 -1.79 -18.71
C ILE A 119 -5.13 -0.87 -17.64
N SER A 120 -6.38 -0.45 -17.84
CA SER A 120 -7.03 0.42 -16.87
C SER A 120 -8.53 0.30 -17.04
N SER A 121 -9.28 1.10 -16.29
CA SER A 121 -10.73 1.09 -16.40
C SER A 121 -11.07 1.61 -17.80
N SER A 122 -10.32 2.62 -18.23
CA SER A 122 -10.54 3.25 -19.53
C SER A 122 -9.25 3.46 -20.30
N THR A 123 -9.36 4.16 -21.43
CA THR A 123 -8.19 4.43 -22.26
C THR A 123 -7.62 5.81 -21.93
N LEU A 124 -7.80 6.24 -20.69
CA LEU A 124 -7.29 7.55 -20.25
C LEU A 124 -5.88 7.43 -19.70
N LYS A 125 -4.97 8.23 -20.25
CA LYS A 125 -3.60 8.22 -19.78
C LYS A 125 -3.48 9.06 -18.50
N ALA A 126 -2.63 8.64 -17.58
CA ALA A 126 -2.43 9.38 -16.34
C ALA A 126 -1.66 10.65 -16.71
N GLU A 127 -2.31 11.80 -16.58
CA GLU A 127 -1.69 13.06 -16.92
C GLU A 127 -0.58 13.51 -15.98
N ASN A 128 0.54 13.93 -16.57
CA ASN A 128 1.69 14.41 -15.80
C ASN A 128 2.16 13.39 -14.77
N VAL A 129 2.35 12.15 -15.20
CA VAL A 129 2.80 11.10 -14.31
C VAL A 129 3.98 10.36 -14.93
N LYS A 130 4.96 10.04 -14.10
CA LYS A 130 6.13 9.31 -14.58
C LYS A 130 6.40 8.12 -13.67
N VAL A 131 7.04 7.10 -14.21
CA VAL A 131 7.44 5.94 -13.44
C VAL A 131 8.90 5.78 -13.81
N PHE A 132 9.56 4.73 -13.33
CA PHE A 132 10.94 4.54 -13.72
C PHE A 132 11.18 3.12 -14.19
N VAL A 133 12.11 2.96 -15.11
CA VAL A 133 12.41 1.66 -15.67
C VAL A 133 13.90 1.36 -15.58
N ASP A 134 14.26 0.14 -15.91
CA ASP A 134 15.66 -0.30 -15.89
C ASP A 134 16.21 0.04 -17.28
N ASN A 135 17.25 0.86 -17.34
CA ASN A 135 17.84 1.25 -18.61
C ASN A 135 19.30 0.86 -18.80
N GLY A 136 19.66 -0.34 -18.35
CA GLY A 136 21.03 -0.79 -18.49
C GLY A 136 22.00 -0.13 -17.53
N SER A 137 21.50 0.21 -16.34
CA SER A 137 22.32 0.84 -15.31
C SER A 137 21.58 0.67 -14.00
N ASP A 138 22.29 0.81 -12.88
CA ASP A 138 21.68 0.67 -11.58
C ASP A 138 21.09 1.97 -11.05
N GLU A 139 20.59 2.80 -11.95
CA GLU A 139 19.99 4.08 -11.57
C GLU A 139 18.62 4.22 -12.23
N PRO A 140 17.57 4.45 -11.43
CA PRO A 140 16.21 4.62 -11.95
C PRO A 140 16.12 5.59 -13.12
N GLY A 141 15.53 5.13 -14.22
CA GLY A 141 15.36 5.97 -15.39
C GLY A 141 13.89 6.35 -15.51
N PHE A 142 13.56 7.60 -15.20
CA PHE A 142 12.18 8.06 -15.25
C PHE A 142 11.65 8.26 -16.65
N VAL A 143 10.43 7.76 -16.88
CA VAL A 143 9.78 7.87 -18.18
C VAL A 143 8.31 8.22 -18.00
N ASP A 144 7.70 8.80 -19.02
CA ASP A 144 6.29 9.15 -18.93
C ASP A 144 5.50 7.85 -19.07
N VAL A 145 4.35 7.76 -18.43
CA VAL A 145 3.53 6.57 -18.53
C VAL A 145 2.95 6.45 -19.94
N ALA A 146 2.44 5.26 -20.26
CA ALA A 146 1.87 5.01 -21.57
C ALA A 146 0.35 5.07 -21.52
N VAL A 147 -0.29 5.19 -22.68
CA VAL A 147 -1.75 5.23 -22.76
C VAL A 147 -2.23 3.80 -22.57
N PRO A 148 -3.15 3.58 -21.62
CA PRO A 148 -3.66 2.23 -21.37
C PRO A 148 -4.79 1.83 -22.29
N ARG A 149 -5.10 0.55 -22.28
CA ARG A 149 -6.22 0.02 -23.05
C ARG A 149 -7.25 -0.29 -21.98
N ALA A 150 -8.53 -0.19 -22.33
CA ALA A 150 -9.60 -0.45 -21.37
C ALA A 150 -9.78 -1.95 -21.13
N MET A 151 -9.93 -2.32 -19.87
CA MET A 151 -10.12 -3.72 -19.50
C MET A 151 -11.43 -4.30 -19.99
N THR A 152 -11.36 -5.53 -20.48
CA THR A 152 -12.53 -6.24 -20.95
C THR A 152 -13.06 -7.04 -19.77
N LYS A 153 -14.23 -7.65 -19.95
CA LYS A 153 -14.82 -8.49 -18.91
C LYS A 153 -13.83 -9.59 -18.57
N ALA A 154 -13.16 -10.12 -19.59
CA ALA A 154 -12.19 -11.18 -19.40
C ALA A 154 -11.01 -10.69 -18.57
N ASP A 155 -10.56 -9.46 -18.85
CA ASP A 155 -9.44 -8.89 -18.11
C ASP A 155 -9.81 -8.77 -16.64
N ILE A 156 -11.04 -8.33 -16.37
CA ILE A 156 -11.49 -8.17 -15.00
C ILE A 156 -11.47 -9.51 -14.26
N ALA A 157 -11.98 -10.55 -14.90
CA ALA A 157 -11.98 -11.87 -14.27
C ALA A 157 -10.55 -12.33 -14.01
N GLN A 158 -9.66 -12.04 -14.97
CA GLN A 158 -8.25 -12.45 -14.84
C GLN A 158 -7.57 -11.75 -13.67
N VAL A 159 -7.74 -10.43 -13.58
CA VAL A 159 -7.12 -9.66 -12.52
C VAL A 159 -7.67 -10.10 -11.16
N ILE A 160 -8.97 -10.36 -11.09
CA ILE A 160 -9.53 -10.83 -9.83
C ILE A 160 -8.90 -12.17 -9.45
N ALA A 161 -8.70 -13.04 -10.44
CA ALA A 161 -8.10 -14.34 -10.19
C ALA A 161 -6.65 -14.17 -9.73
N ASP A 162 -5.97 -13.18 -10.31
CA ASP A 162 -4.58 -12.89 -9.95
C ASP A 162 -4.52 -12.38 -8.50
N TYR A 163 -5.47 -11.52 -8.13
CA TYR A 163 -5.50 -11.00 -6.75
C TYR A 163 -5.76 -12.15 -5.79
N ARG A 164 -6.73 -12.99 -6.13
CA ARG A 164 -7.10 -14.12 -5.28
C ARG A 164 -5.91 -15.05 -5.03
N GLN A 165 -5.20 -15.38 -6.09
CA GLN A 165 -4.06 -16.26 -5.98
C GLN A 165 -2.92 -15.58 -5.23
N ALA A 166 -2.75 -14.28 -5.45
CA ALA A 166 -1.69 -13.55 -4.78
C ALA A 166 -1.92 -13.59 -3.27
N ALA A 167 -3.17 -13.56 -2.85
CA ALA A 167 -3.50 -13.61 -1.43
C ALA A 167 -3.09 -14.97 -0.88
N LEU A 168 -3.38 -16.04 -1.61
CA LEU A 168 -3.00 -17.37 -1.17
C LEU A 168 -1.47 -17.44 -1.12
N ASN A 169 -0.82 -16.86 -2.13
CA ASN A 169 0.64 -16.86 -2.21
C ASN A 169 1.23 -16.14 -1.01
N ALA A 170 0.58 -15.05 -0.58
CA ALA A 170 1.06 -14.29 0.56
C ALA A 170 0.98 -15.16 1.81
N MET A 171 -0.07 -15.95 1.93
CA MET A 171 -0.18 -16.80 3.11
C MET A 171 0.88 -17.89 3.06
N GLU A 172 1.16 -18.41 1.87
CA GLU A 172 2.17 -19.44 1.72
C GLU A 172 3.54 -18.86 2.07
N ALA A 173 3.71 -17.55 1.84
CA ALA A 173 4.96 -16.87 2.12
C ALA A 173 5.10 -16.49 3.61
N GLY A 174 4.08 -16.78 4.40
CA GLY A 174 4.18 -16.50 5.82
C GLY A 174 3.64 -15.16 6.28
N PHE A 175 3.04 -14.39 5.37
CA PHE A 175 2.48 -13.10 5.77
C PHE A 175 1.29 -13.36 6.70
N ASP A 176 1.00 -12.38 7.56
CA ASP A 176 -0.12 -12.49 8.49
C ASP A 176 -1.43 -12.06 7.84
N GLY A 177 -1.31 -11.38 6.70
CA GLY A 177 -2.49 -10.93 5.99
C GLY A 177 -2.05 -10.17 4.77
N ILE A 178 -3.00 -9.57 4.06
CA ILE A 178 -2.67 -8.78 2.88
C ILE A 178 -3.38 -7.44 2.93
N GLU A 179 -2.80 -6.45 2.25
CA GLU A 179 -3.42 -5.14 2.15
C GLU A 179 -3.67 -4.91 0.66
N LEU A 180 -4.92 -4.66 0.30
CA LEU A 180 -5.22 -4.41 -1.10
C LEU A 180 -4.90 -2.96 -1.42
N HIS A 181 -3.98 -2.73 -2.35
CA HIS A 181 -3.66 -1.36 -2.72
C HIS A 181 -4.76 -0.87 -3.67
N ALA A 182 -5.69 -0.07 -3.13
CA ALA A 182 -6.78 0.48 -3.94
C ALA A 182 -6.63 1.99 -3.87
N ALA A 183 -5.40 2.42 -3.62
CA ALA A 183 -5.13 3.84 -3.48
C ALA A 183 -4.11 4.37 -4.49
N ASN A 184 -3.67 5.59 -4.20
CA ASN A 184 -2.67 6.33 -4.95
C ASN A 184 -2.66 6.24 -6.47
N GLY A 185 -3.87 6.25 -7.03
CA GLY A 185 -4.04 6.25 -8.47
C GLY A 185 -3.75 4.97 -9.22
N TYR A 186 -3.64 3.86 -8.51
CA TYR A 186 -3.37 2.62 -9.21
C TYR A 186 -4.63 1.95 -9.77
N LEU A 187 -4.53 0.70 -10.23
CA LEU A 187 -5.67 0.06 -10.89
C LEU A 187 -7.06 0.20 -10.29
N ILE A 188 -7.25 -0.26 -9.05
CA ILE A 188 -8.58 -0.16 -8.49
C ILE A 188 -9.04 1.30 -8.35
N ASN A 189 -8.09 2.17 -8.01
CA ASN A 189 -8.38 3.60 -7.85
C ASN A 189 -8.84 4.17 -9.21
N GLN A 190 -8.32 3.59 -10.29
CA GLN A 190 -8.68 4.03 -11.64
C GLN A 190 -10.14 3.71 -11.97
N PHE A 191 -10.75 2.82 -11.18
CA PHE A 191 -12.15 2.46 -11.36
C PHE A 191 -13.01 3.30 -10.41
N ILE A 192 -12.51 3.47 -9.19
CA ILE A 192 -13.24 4.23 -8.16
C ILE A 192 -13.46 5.69 -8.49
N ASP A 193 -12.40 6.41 -8.85
CA ASP A 193 -12.51 7.84 -9.11
C ASP A 193 -13.20 8.16 -10.43
N SER A 194 -14.26 8.97 -10.35
CA SER A 194 -15.06 9.34 -11.52
C SER A 194 -14.33 9.88 -12.74
N GLU A 195 -13.34 10.73 -12.52
CA GLU A 195 -12.64 11.33 -13.65
C GLU A 195 -11.63 10.40 -14.34
N ALA A 196 -11.40 9.22 -13.76
CA ALA A 196 -10.47 8.28 -14.36
C ALA A 196 -11.22 7.10 -14.96
N ASN A 197 -12.53 7.10 -14.79
CA ASN A 197 -13.37 6.01 -15.25
C ASN A 197 -14.48 6.51 -16.17
N ASN A 198 -14.35 6.22 -17.45
CA ASN A 198 -15.39 6.63 -18.40
C ASN A 198 -16.06 5.41 -19.03
N ARG A 199 -16.06 4.30 -18.30
CA ARG A 199 -16.69 3.08 -18.79
C ARG A 199 -18.19 3.24 -18.87
N SER A 200 -18.81 2.58 -19.85
CA SER A 200 -20.25 2.65 -20.02
C SER A 200 -20.92 1.36 -19.57
N ASP A 201 -20.13 0.39 -19.10
CA ASP A 201 -20.72 -0.85 -18.62
C ASP A 201 -20.98 -0.83 -17.12
N GLU A 202 -21.18 -2.00 -16.53
CA GLU A 202 -21.49 -2.10 -15.11
C GLU A 202 -20.34 -1.69 -14.17
N TYR A 203 -19.17 -1.37 -14.73
CA TYR A 203 -18.03 -0.97 -13.91
C TYR A 203 -17.76 0.53 -13.95
N GLY A 204 -18.71 1.28 -14.51
CA GLY A 204 -18.57 2.73 -14.58
C GLY A 204 -19.93 3.37 -14.74
N GLY A 205 -20.02 4.69 -14.64
CA GLY A 205 -21.29 5.35 -14.84
C GLY A 205 -22.14 5.68 -13.62
N SER A 206 -22.03 4.90 -12.56
CA SER A 206 -22.78 5.15 -11.32
C SER A 206 -21.81 4.91 -10.16
N LEU A 207 -22.12 5.43 -8.97
CA LEU A 207 -21.23 5.21 -7.84
C LEU A 207 -21.14 3.71 -7.57
N GLU A 208 -22.29 3.04 -7.61
CA GLU A 208 -22.32 1.61 -7.36
C GLU A 208 -21.44 0.89 -8.38
N ASN A 209 -21.50 1.33 -9.63
CA ASN A 209 -20.70 0.71 -10.68
C ASN A 209 -19.21 0.97 -10.50
N ARG A 210 -18.86 2.18 -10.08
CA ARG A 210 -17.45 2.52 -9.88
C ARG A 210 -16.81 1.74 -8.73
N LEU A 211 -17.63 1.32 -7.77
CA LEU A 211 -17.13 0.56 -6.62
C LEU A 211 -17.22 -0.94 -6.88
N ARG A 212 -17.83 -1.33 -8.00
CA ARG A 212 -17.99 -2.75 -8.30
C ARG A 212 -16.72 -3.57 -8.35
N PHE A 213 -15.69 -3.06 -9.03
CA PHE A 213 -14.43 -3.78 -9.13
C PHE A 213 -13.83 -3.95 -7.73
N LEU A 214 -13.83 -2.89 -6.92
CA LEU A 214 -13.31 -2.98 -5.56
C LEU A 214 -14.09 -4.06 -4.82
N ASP A 215 -15.41 -4.02 -4.96
CA ASP A 215 -16.28 -4.97 -4.30
C ASP A 215 -15.93 -6.42 -4.67
N GLU A 216 -15.81 -6.67 -5.97
CA GLU A 216 -15.50 -8.02 -6.43
C GLU A 216 -14.11 -8.51 -6.06
N VAL A 217 -13.12 -7.62 -6.10
CA VAL A 217 -11.77 -8.02 -5.73
C VAL A 217 -11.73 -8.35 -4.24
N VAL A 218 -12.33 -7.50 -3.42
CA VAL A 218 -12.34 -7.75 -1.99
C VAL A 218 -13.10 -9.04 -1.67
N ALA A 219 -14.21 -9.28 -2.37
CA ALA A 219 -14.97 -10.50 -2.11
C ALA A 219 -14.09 -11.72 -2.34
N ALA A 220 -13.29 -11.67 -3.40
CA ALA A 220 -12.39 -12.78 -3.74
C ALA A 220 -11.28 -12.94 -2.70
N LEU A 221 -10.73 -11.83 -2.24
CA LEU A 221 -9.67 -11.88 -1.24
C LEU A 221 -10.19 -12.47 0.07
N VAL A 222 -11.36 -12.03 0.50
CA VAL A 222 -11.95 -12.52 1.73
C VAL A 222 -12.27 -14.01 1.60
N ASP A 223 -12.79 -14.40 0.45
CA ASP A 223 -13.13 -15.79 0.21
C ASP A 223 -11.87 -16.66 0.28
N ALA A 224 -10.77 -16.14 -0.24
CA ALA A 224 -9.51 -16.88 -0.25
C ALA A 224 -8.83 -17.02 1.11
N ILE A 225 -8.71 -15.93 1.85
CA ILE A 225 -7.99 -16.01 3.11
C ILE A 225 -8.67 -15.54 4.39
N GLY A 226 -9.92 -15.10 4.30
CA GLY A 226 -10.62 -14.66 5.49
C GLY A 226 -10.57 -13.16 5.68
N ALA A 227 -11.70 -12.58 6.09
CA ALA A 227 -11.79 -11.15 6.29
C ALA A 227 -10.81 -10.64 7.35
N GLU A 228 -10.52 -11.47 8.35
CA GLU A 228 -9.61 -11.07 9.41
C GLU A 228 -8.16 -10.87 8.92
N ARG A 229 -7.88 -11.31 7.70
CA ARG A 229 -6.54 -11.17 7.15
C ARG A 229 -6.52 -10.25 5.93
N VAL A 230 -7.58 -9.48 5.74
CA VAL A 230 -7.66 -8.57 4.61
C VAL A 230 -7.81 -7.12 5.02
N GLY A 231 -6.87 -6.29 4.58
CA GLY A 231 -6.93 -4.86 4.84
C GLY A 231 -7.00 -4.21 3.48
N VAL A 232 -7.47 -2.97 3.41
CA VAL A 232 -7.57 -2.26 2.13
C VAL A 232 -7.09 -0.83 2.29
N ARG A 233 -6.33 -0.34 1.31
CA ARG A 233 -5.84 1.04 1.35
C ARG A 233 -6.56 1.91 0.32
N LEU A 234 -7.02 3.08 0.76
CA LEU A 234 -7.72 4.04 -0.11
C LEU A 234 -7.07 5.42 -0.01
N ALA A 235 -7.27 6.24 -1.04
CA ALA A 235 -6.72 7.60 -1.07
C ALA A 235 -7.87 8.49 -1.54
N PRO A 236 -8.75 8.89 -0.61
CA PRO A 236 -9.90 9.72 -0.97
C PRO A 236 -9.64 11.06 -1.63
N LEU A 237 -8.63 11.79 -1.14
CA LEU A 237 -8.37 13.15 -1.63
C LEU A 237 -7.09 13.45 -2.40
N THR A 238 -6.07 12.61 -2.29
CA THR A 238 -4.85 12.89 -3.05
C THR A 238 -5.14 12.59 -4.52
N THR A 239 -4.39 13.25 -5.41
CA THR A 239 -4.61 13.08 -6.84
C THR A 239 -3.30 13.06 -7.63
N LEU A 240 -2.19 12.94 -6.92
CA LEU A 240 -0.86 12.96 -7.53
C LEU A 240 -0.65 12.08 -8.77
N ASN A 241 -1.13 10.83 -8.73
CA ASN A 241 -0.97 9.93 -9.87
C ASN A 241 -2.04 10.03 -10.95
N GLY A 242 -2.82 11.09 -10.91
CA GLY A 242 -3.82 11.30 -11.95
C GLY A 242 -5.26 10.87 -11.75
N THR A 243 -5.61 10.38 -10.57
CA THR A 243 -6.99 9.97 -10.34
C THR A 243 -7.69 10.99 -9.47
N VAL A 244 -8.78 11.54 -9.99
CA VAL A 244 -9.56 12.54 -9.28
C VAL A 244 -11.02 12.10 -9.29
N ASP A 245 -11.71 12.24 -8.16
CA ASP A 245 -13.12 11.91 -8.08
C ASP A 245 -13.87 13.22 -7.88
N ALA A 246 -15.03 13.35 -8.51
CA ALA A 246 -15.83 14.56 -8.42
C ALA A 246 -16.47 14.80 -7.06
N ASP A 247 -16.85 13.73 -6.37
CA ASP A 247 -17.52 13.84 -5.07
C ASP A 247 -16.87 12.80 -4.15
N PRO A 248 -15.61 13.03 -3.76
CA PRO A 248 -14.90 12.08 -2.89
C PRO A 248 -15.51 11.80 -1.52
N ILE A 249 -16.18 12.79 -0.93
CA ILE A 249 -16.78 12.53 0.38
C ILE A 249 -17.83 11.44 0.22
N LEU A 250 -18.66 11.56 -0.81
CA LEU A 250 -19.69 10.54 -1.05
C LEU A 250 -19.07 9.23 -1.49
N THR A 251 -18.21 9.30 -2.49
CA THR A 251 -17.58 8.10 -3.02
C THR A 251 -16.84 7.29 -1.98
N TYR A 252 -16.02 7.96 -1.18
CA TYR A 252 -15.24 7.24 -0.18
C TYR A 252 -15.95 6.90 1.11
N THR A 253 -16.97 7.65 1.48
CA THR A 253 -17.73 7.27 2.66
C THR A 253 -18.48 6.00 2.24
N ALA A 254 -18.95 5.97 1.00
CA ALA A 254 -19.65 4.80 0.49
C ALA A 254 -18.70 3.61 0.44
N ALA A 255 -17.49 3.86 -0.05
CA ALA A 255 -16.48 2.80 -0.16
C ALA A 255 -16.18 2.23 1.23
N ALA A 256 -16.05 3.12 2.22
CA ALA A 256 -15.76 2.70 3.58
C ALA A 256 -16.90 1.81 4.11
N ALA A 257 -18.14 2.20 3.83
CA ALA A 257 -19.31 1.43 4.27
C ALA A 257 -19.35 0.08 3.56
N LEU A 258 -18.96 0.06 2.29
CA LEU A 258 -18.93 -1.17 1.51
C LEU A 258 -17.90 -2.12 2.10
N LEU A 259 -16.73 -1.58 2.40
CA LEU A 259 -15.67 -2.40 2.98
C LEU A 259 -16.05 -2.87 4.37
N ASN A 260 -16.84 -2.06 5.08
CA ASN A 260 -17.28 -2.44 6.41
C ASN A 260 -18.18 -3.68 6.32
N LYS A 261 -19.00 -3.72 5.28
CA LYS A 261 -19.91 -4.85 5.07
C LYS A 261 -19.11 -6.13 4.85
N HIS A 262 -17.96 -6.00 4.19
CA HIS A 262 -17.09 -7.15 3.94
C HIS A 262 -16.36 -7.56 5.22
N ARG A 263 -16.43 -6.69 6.22
CA ARG A 263 -15.78 -6.92 7.50
C ARG A 263 -14.27 -7.01 7.38
N ILE A 264 -13.67 -6.26 6.46
CA ILE A 264 -12.22 -6.33 6.34
C ILE A 264 -11.62 -5.92 7.68
N VAL A 265 -10.45 -6.46 8.00
CA VAL A 265 -9.84 -6.22 9.29
C VAL A 265 -9.36 -4.79 9.54
N TYR A 266 -8.96 -4.10 8.48
CA TYR A 266 -8.56 -2.70 8.64
C TYR A 266 -8.73 -1.94 7.36
N LEU A 267 -8.92 -0.64 7.51
CA LEU A 267 -9.05 0.28 6.39
C LEU A 267 -7.89 1.24 6.62
N HIS A 268 -7.09 1.42 5.59
CA HIS A 268 -5.89 2.27 5.65
C HIS A 268 -6.08 3.45 4.70
N ILE A 269 -6.05 4.66 5.24
CA ILE A 269 -6.21 5.85 4.43
C ILE A 269 -4.86 6.52 4.17
N ALA A 270 -4.51 6.67 2.89
CA ALA A 270 -3.27 7.35 2.50
C ALA A 270 -3.67 8.81 2.39
N GLU A 271 -3.35 9.57 3.42
CA GLU A 271 -3.71 10.97 3.57
C GLU A 271 -2.84 11.97 2.82
N VAL A 272 -1.60 11.56 2.59
CA VAL A 272 -0.63 12.38 1.88
C VAL A 272 0.13 11.45 0.96
N ASP A 273 0.47 11.95 -0.22
CA ASP A 273 1.28 11.16 -1.15
C ASP A 273 2.38 12.14 -1.55
N TRP A 274 3.59 11.90 -1.05
CA TRP A 274 4.73 12.78 -1.31
C TRP A 274 4.43 14.18 -0.80
N ASP A 275 4.23 15.15 -1.70
CA ASP A 275 3.91 16.51 -1.26
C ASP A 275 2.44 16.87 -1.51
N ASP A 276 1.66 15.90 -1.97
CA ASP A 276 0.24 16.10 -2.22
C ASP A 276 -0.43 15.87 -0.87
N ALA A 277 -0.68 16.94 -0.13
CA ALA A 277 -1.28 16.85 1.19
C ALA A 277 -2.52 17.72 1.25
N PRO A 278 -3.62 17.25 0.65
CA PRO A 278 -4.89 17.98 0.61
C PRO A 278 -5.54 18.09 1.98
N ASP A 279 -6.25 19.19 2.22
CA ASP A 279 -6.92 19.36 3.49
C ASP A 279 -7.89 18.19 3.59
N THR A 280 -7.85 17.49 4.71
CA THR A 280 -8.72 16.34 4.94
C THR A 280 -9.54 16.67 6.19
N PRO A 281 -10.71 17.29 5.98
CA PRO A 281 -11.66 17.70 7.02
C PRO A 281 -11.87 16.69 8.13
N VAL A 282 -11.82 17.16 9.36
CA VAL A 282 -12.03 16.29 10.49
C VAL A 282 -13.43 15.71 10.39
N SER A 283 -14.36 16.51 9.86
CA SER A 283 -15.74 16.05 9.72
C SER A 283 -15.77 14.80 8.82
N PHE A 284 -14.93 14.81 7.79
CA PHE A 284 -14.86 13.68 6.87
C PHE A 284 -14.24 12.49 7.57
N LYS A 285 -13.18 12.72 8.35
CA LYS A 285 -12.56 11.63 9.08
C LYS A 285 -13.55 11.01 10.04
N ARG A 286 -14.38 11.84 10.67
CA ARG A 286 -15.35 11.28 11.60
C ARG A 286 -16.42 10.47 10.88
N ALA A 287 -16.77 10.89 9.67
CA ALA A 287 -17.75 10.15 8.89
C ALA A 287 -17.14 8.77 8.51
N LEU A 288 -15.86 8.75 8.15
CA LEU A 288 -15.21 7.48 7.81
C LEU A 288 -15.19 6.55 9.03
N ARG A 289 -15.02 7.16 10.21
CA ARG A 289 -14.97 6.40 11.46
C ARG A 289 -16.31 5.73 11.74
N GLU A 290 -17.39 6.31 11.25
CA GLU A 290 -18.70 5.68 11.46
C GLU A 290 -19.01 4.71 10.33
N ALA A 291 -18.55 5.03 9.12
CA ALA A 291 -18.83 4.19 7.97
C ALA A 291 -18.07 2.86 8.05
N TYR A 292 -16.86 2.92 8.57
CA TYR A 292 -16.03 1.73 8.71
C TYR A 292 -15.69 1.58 10.18
N GLN A 293 -16.06 0.45 10.77
CA GLN A 293 -15.86 0.25 12.19
C GLN A 293 -14.83 -0.77 12.65
N GLY A 294 -13.91 -1.09 11.75
CA GLY A 294 -12.83 -1.99 12.08
C GLY A 294 -11.64 -1.15 12.50
N VAL A 295 -10.43 -1.64 12.29
CA VAL A 295 -9.24 -0.88 12.67
C VAL A 295 -8.97 0.14 11.58
N LEU A 296 -8.91 1.42 11.95
CA LEU A 296 -8.71 2.49 10.99
C LEU A 296 -7.31 3.04 11.12
N ILE A 297 -6.56 2.98 10.02
CA ILE A 297 -5.18 3.44 9.98
C ILE A 297 -5.04 4.63 9.05
N TYR A 298 -4.27 5.64 9.46
CA TYR A 298 -4.01 6.81 8.63
C TYR A 298 -2.50 7.00 8.49
N ALA A 299 -2.05 7.46 7.33
CA ALA A 299 -0.63 7.74 7.14
C ALA A 299 -0.51 8.98 6.27
N GLY A 300 0.48 9.82 6.56
CA GLY A 300 0.67 11.03 5.78
C GLY A 300 1.07 12.23 6.64
N ARG A 301 2.37 12.50 6.67
CA ARG A 301 2.94 13.61 7.42
C ARG A 301 2.59 13.66 8.90
N TYR A 302 2.43 12.49 9.52
CA TYR A 302 2.16 12.48 10.95
C TYR A 302 3.44 12.57 11.76
N ASN A 303 3.38 13.26 12.89
CA ASN A 303 4.52 13.29 13.81
C ASN A 303 3.93 12.70 15.09
N ALA A 304 4.72 12.60 16.15
CA ALA A 304 4.22 12.00 17.41
C ALA A 304 2.98 12.71 17.97
N GLU A 305 2.99 14.03 17.98
CA GLU A 305 1.87 14.79 18.51
C GLU A 305 0.59 14.61 17.72
N LYS A 306 0.67 14.73 16.39
CA LYS A 306 -0.51 14.58 15.55
C LYS A 306 -1.05 13.15 15.57
N ALA A 307 -0.17 12.18 15.68
CA ALA A 307 -0.60 10.79 15.71
C ALA A 307 -1.37 10.53 16.99
N GLU A 308 -0.80 10.94 18.11
CA GLU A 308 -1.45 10.76 19.42
C GLU A 308 -2.81 11.48 19.41
N GLN A 309 -2.84 12.70 18.87
CA GLN A 309 -4.08 13.45 18.83
C GLN A 309 -5.15 12.76 18.00
N ALA A 310 -4.75 12.20 16.85
CA ALA A 310 -5.72 11.52 15.99
C ALA A 310 -6.34 10.33 16.72
N ILE A 311 -5.55 9.61 17.49
CA ILE A 311 -6.06 8.45 18.19
C ILE A 311 -6.95 8.91 19.36
N ASN A 312 -6.48 9.91 20.10
CA ASN A 312 -7.26 10.38 21.23
C ASN A 312 -8.55 11.08 20.85
N ASP A 313 -8.60 11.64 19.64
CA ASP A 313 -9.82 12.30 19.17
C ASP A 313 -10.81 11.29 18.58
N GLY A 314 -10.41 10.02 18.55
CA GLY A 314 -11.29 8.98 18.03
C GLY A 314 -11.37 8.88 16.53
N LEU A 315 -10.37 9.42 15.86
CA LEU A 315 -10.32 9.42 14.40
C LEU A 315 -9.59 8.22 13.83
N ALA A 316 -8.56 7.77 14.54
CA ALA A 316 -7.77 6.65 14.06
C ALA A 316 -7.42 5.69 15.18
N ASP A 317 -7.16 4.44 14.81
CA ASP A 317 -6.75 3.42 15.77
C ASP A 317 -5.25 3.23 15.70
N MET A 318 -4.70 3.38 14.49
CA MET A 318 -3.26 3.24 14.26
C MET A 318 -2.79 4.32 13.29
N ILE A 319 -1.50 4.64 13.37
CA ILE A 319 -0.95 5.67 12.50
C ILE A 319 0.32 5.16 11.85
N GLY A 320 0.42 5.37 10.54
CA GLY A 320 1.61 4.96 9.82
C GLY A 320 2.56 6.14 9.65
N PHE A 321 3.86 5.85 9.71
CA PHE A 321 4.91 6.86 9.53
C PHE A 321 5.77 6.26 8.44
N GLY A 322 5.78 6.91 7.28
CA GLY A 322 6.53 6.39 6.15
C GLY A 322 7.97 6.84 6.07
N ARG A 323 8.17 8.04 5.54
CA ARG A 323 9.54 8.55 5.40
C ARG A 323 10.33 8.48 6.70
N PRO A 324 9.70 8.79 7.85
CA PRO A 324 10.49 8.69 9.08
C PRO A 324 10.97 7.26 9.36
N PHE A 325 10.20 6.26 8.95
CA PHE A 325 10.61 4.88 9.19
C PHE A 325 11.75 4.48 8.27
N ILE A 326 11.86 5.13 7.13
CA ILE A 326 12.96 4.80 6.23
C ILE A 326 14.28 5.13 6.91
N ALA A 327 14.36 6.31 7.49
CA ALA A 327 15.60 6.78 8.11
C ALA A 327 15.78 6.47 9.59
N ASN A 328 14.76 5.90 10.22
CA ASN A 328 14.85 5.60 11.64
C ASN A 328 14.32 4.19 11.86
N PRO A 329 15.20 3.19 11.84
CA PRO A 329 14.72 1.81 12.04
C PRO A 329 14.05 1.64 13.39
N ASP A 330 14.49 2.42 14.37
CA ASP A 330 13.94 2.39 15.72
C ASP A 330 13.00 3.58 15.92
N LEU A 331 12.18 3.87 14.91
CA LEU A 331 11.26 4.99 14.99
C LEU A 331 10.40 4.97 16.25
N PRO A 332 9.80 3.81 16.57
CA PRO A 332 8.98 3.79 17.78
C PRO A 332 9.70 4.26 19.04
N GLU A 333 10.90 3.74 19.26
CA GLU A 333 11.67 4.17 20.43
C GLU A 333 11.92 5.67 20.40
N ARG A 334 12.26 6.21 19.22
CA ARG A 334 12.51 7.63 19.13
C ARG A 334 11.26 8.46 19.41
N LEU A 335 10.11 8.03 18.88
CA LEU A 335 8.88 8.76 19.12
C LEU A 335 8.51 8.75 20.62
N ARG A 336 8.70 7.60 21.26
CA ARG A 336 8.37 7.49 22.68
C ARG A 336 9.25 8.37 23.57
N HIS A 337 10.54 8.43 23.27
CA HIS A 337 11.48 9.22 24.07
C HIS A 337 11.69 10.64 23.59
N GLY A 338 11.21 10.94 22.39
CA GLY A 338 11.40 12.27 21.85
C GLY A 338 12.81 12.44 21.34
N TYR A 339 13.43 11.34 20.92
CA TYR A 339 14.79 11.39 20.37
C TYR A 339 14.68 12.03 18.99
N PRO A 340 15.72 12.77 18.58
CA PRO A 340 15.65 13.40 17.26
C PRO A 340 15.61 12.34 16.14
N LEU A 341 14.88 12.65 15.09
CA LEU A 341 14.75 11.75 13.95
C LEU A 341 15.71 12.07 12.83
N ALA A 342 16.37 11.04 12.31
CA ALA A 342 17.25 11.24 11.17
C ALA A 342 16.31 11.48 9.98
N GLU A 343 16.82 12.09 8.91
CA GLU A 343 16.01 12.32 7.72
C GLU A 343 16.53 11.39 6.64
N HIS A 344 15.64 10.95 5.75
CA HIS A 344 16.05 10.06 4.68
C HIS A 344 16.69 10.78 3.50
N VAL A 345 17.44 10.02 2.72
CA VAL A 345 18.11 10.54 1.53
C VAL A 345 17.29 10.12 0.30
N PRO A 346 16.66 11.09 -0.35
CA PRO A 346 15.84 10.77 -1.54
C PRO A 346 16.57 9.95 -2.61
N ALA A 347 17.85 10.24 -2.80
CA ALA A 347 18.65 9.55 -3.82
C ALA A 347 18.75 8.04 -3.65
N THR A 348 18.54 7.55 -2.44
CA THR A 348 18.64 6.13 -2.22
C THR A 348 17.31 5.45 -1.88
N LEU A 349 16.21 6.14 -2.14
CA LEU A 349 14.90 5.54 -1.89
C LEU A 349 14.66 4.35 -2.80
N PHE A 350 15.05 4.48 -4.06
CA PHE A 350 14.82 3.41 -5.04
C PHE A 350 16.07 2.84 -5.69
N GLY A 351 16.07 1.53 -5.83
CA GLY A 351 17.19 0.84 -6.46
C GLY A 351 18.44 0.77 -5.59
N GLY A 352 19.49 0.20 -6.17
CA GLY A 352 20.73 0.09 -5.43
C GLY A 352 20.75 -1.10 -4.49
N GLY A 353 21.54 -0.98 -3.43
CA GLY A 353 21.66 -2.07 -2.48
C GLY A 353 21.38 -1.68 -1.06
N GLU A 354 22.22 -2.12 -0.14
CA GLU A 354 22.02 -1.83 1.28
C GLU A 354 22.18 -0.38 1.68
N LYS A 355 22.97 0.38 0.91
CA LYS A 355 23.16 1.78 1.24
C LYS A 355 21.86 2.56 1.09
N GLY A 356 21.44 3.20 2.17
CA GLY A 356 20.21 3.97 2.16
C GLY A 356 19.04 3.06 2.43
N LEU A 357 19.32 1.81 2.78
CA LEU A 357 18.27 0.84 3.08
C LEU A 357 18.43 0.27 4.48
N THR A 358 19.54 -0.43 4.71
CA THR A 358 19.78 -1.08 5.99
C THR A 358 20.87 -0.43 6.83
N ASP A 359 21.45 0.66 6.34
CA ASP A 359 22.52 1.29 7.10
C ASP A 359 22.16 2.57 7.84
N TYR A 360 20.87 2.81 8.06
CA TYR A 360 20.45 3.95 8.87
C TYR A 360 20.58 3.38 10.29
N PRO A 361 21.40 4.00 11.13
CA PRO A 361 21.56 3.47 12.48
C PRO A 361 20.44 3.72 13.47
N THR A 362 20.46 2.96 14.56
CA THR A 362 19.49 3.16 15.62
C THR A 362 20.04 4.36 16.37
N TYR A 363 19.21 4.98 17.19
CA TYR A 363 19.65 6.16 17.93
C TYR A 363 20.74 5.92 18.96
N GLN A 364 21.73 6.82 18.96
CA GLN A 364 22.83 6.73 19.91
C GLN A 364 23.15 8.15 20.33
N ALA A 365 22.92 8.46 21.60
CA ALA A 365 23.19 9.80 22.11
C ALA A 365 24.69 10.11 22.04
#